data_7APZ
#
_entry.id   7APZ
#
_cell.length_a   82.803
_cell.length_b   82.803
_cell.length_c   263.071
_cell.angle_alpha   90.000
_cell.angle_beta   90.000
_cell.angle_gamma   120.000
#
_symmetry.space_group_name_H-M   'P 65 2 2'
#
loop_
_entity.id
_entity.type
_entity.pdbx_description
1 polymer 'MHC class II alpha chain'
2 polymer 'MHC class II beta chain 2'
3 non-polymer IMIDAZOLE
4 non-polymer 'ACETYL GROUP'
5 non-polymer 'ZINC ION'
6 non-polymer DI(HYDROXYETHYL)ETHER
7 non-polymer 2-acetamido-2-deoxy-beta-D-glucopyranose
8 non-polymer 'NICKEL (II) ION'
9 water water
#
loop_
_entity_poly.entity_id
_entity_poly.type
_entity_poly.pdbx_seq_one_letter_code
_entity_poly.pdbx_strand_id
1 'polypeptide(L)'
;DRRHVLLQAEFYQRSEGPDKAWAQFGFHFDADELFHVELDAAQTVWRLPEFGRFASFEAQGALQNMAVGKQNLEVMISNS
NRSQQDFVTPELALFPAEAVSLEEPNVLICYADKFWPPVATMEWRRNGAVVSEGVYDSVYYGRPDLLFRKFSYLPFVPQR
GDVYSCAVRHWGAEGPVQRMWEPE
;
A
2 'polypeptide(L)'
;KMSMSTMNMPMAMKVGGGGSGGGGSGGGGSSAFFFCGAIFECHYLNGTERVRYLQRYIYNRQQLVHFDSDVGKFVADTPL
GEPQAEYWNSNAELLENIMNIADGSCRHNYGILESFTVQRSVEPKVRVSALQSGSLPETDRLACYVTGFYPPEIEVKWFL
NGREETERVVSTDVMQNGDWTYQVLVVLETVPRRGDSYVCRVEHASLRQPISQAWEPPADAGRSK
;
B
#
loop_
_chem_comp.id
_chem_comp.type
_chem_comp.name
_chem_comp.formula
ACE non-polymer 'ACETYL GROUP' 'C2 H4 O'
IMD non-polymer IMIDAZOLE 'C3 H5 N2 1'
NAG D-saccharide, beta linking 2-acetamido-2-deoxy-beta-D-glucopyranose 'C8 H15 N O6'
NI non-polymer 'NICKEL (II) ION' 'Ni 2'
PEG non-polymer DI(HYDROXYETHYL)ETHER 'C4 H10 O3'
ZN non-polymer 'ZINC ION' 'Zn 2'
#
# COMPACT_ATOMS: atom_id res chain seq x y z
N ASP A 1 2.78 16.38 -10.37
CA ASP A 1 2.47 14.93 -10.48
C ASP A 1 3.75 14.08 -10.43
N ARG A 2 4.93 14.71 -10.31
CA ARG A 2 6.23 14.11 -10.75
C ARG A 2 7.08 13.60 -9.57
N ARG A 3 6.61 13.72 -8.32
CA ARG A 3 7.37 13.21 -7.15
C ARG A 3 7.19 11.69 -7.05
N HIS A 4 8.19 11.00 -6.55
CA HIS A 4 8.14 9.56 -6.23
C HIS A 4 8.82 9.34 -4.87
N VAL A 5 8.40 8.30 -4.15
CA VAL A 5 9.05 7.89 -2.89
C VAL A 5 9.41 6.40 -2.98
N LEU A 6 10.67 6.06 -2.71
CA LEU A 6 11.14 4.69 -2.34
C LEU A 6 11.31 4.60 -0.81
N LEU A 7 10.62 3.64 -0.18
CA LEU A 7 10.60 3.39 1.27
C LEU A 7 11.21 2.02 1.51
N GLN A 8 12.09 1.90 2.48
CA GLN A 8 12.44 0.63 3.14
C GLN A 8 11.68 0.64 4.46
N ALA A 9 10.73 -0.27 4.58
CA ALA A 9 9.90 -0.30 5.79
C ALA A 9 10.08 -1.64 6.49
N GLU A 10 10.32 -1.56 7.79
CA GLU A 10 10.47 -2.79 8.58
C GLU A 10 9.69 -2.66 9.88
N PHE A 11 9.21 -3.78 10.39
CA PHE A 11 8.54 -3.77 11.70
C PHE A 11 8.86 -5.04 12.49
N TYR A 12 8.92 -4.90 13.80
CA TYR A 12 9.16 -6.05 14.70
C TYR A 12 8.11 -5.95 15.80
N GLN A 13 7.34 -7.01 16.01
CA GLN A 13 6.23 -6.93 16.99
C GLN A 13 6.10 -8.22 17.79
N ARG A 14 5.50 -8.11 18.97
CA ARG A 14 5.28 -9.33 19.79
C ARG A 14 4.04 -9.18 20.69
N SER A 15 3.40 -10.30 20.94
CA SER A 15 2.21 -10.33 21.82
C SER A 15 2.53 -11.17 23.04
N GLU A 16 1.89 -10.86 24.15
CA GLU A 16 1.98 -11.73 25.33
C GLU A 16 0.54 -12.19 25.60
N GLY A 17 0.35 -13.44 25.98
CA GLY A 17 -1.00 -13.97 26.25
C GLY A 17 -1.99 -13.84 25.10
N PRO A 18 -1.79 -14.49 23.93
CA PRO A 18 -0.74 -15.46 23.73
C PRO A 18 0.62 -14.90 23.26
N ASP A 19 1.68 -15.67 23.47
CA ASP A 19 3.02 -15.19 23.11
C ASP A 19 3.26 -15.48 21.63
N LYS A 20 3.52 -14.43 20.85
CA LYS A 20 3.86 -14.61 19.43
C LYS A 20 4.74 -13.43 18.97
N ALA A 21 5.65 -13.67 18.04
CA ALA A 21 6.56 -12.66 17.47
C ALA A 21 6.37 -12.62 15.94
N TRP A 22 6.47 -11.45 15.34
CA TRP A 22 6.42 -11.30 13.87
C TRP A 22 7.49 -10.29 13.46
N ALA A 23 7.88 -10.35 12.18
CA ALA A 23 8.84 -9.40 11.57
C ALA A 23 8.56 -9.26 10.08
N GLN A 24 8.78 -8.06 9.55
CA GLN A 24 8.65 -7.81 8.12
C GLN A 24 9.75 -6.85 7.68
N PHE A 25 10.22 -7.05 6.47
CA PHE A 25 11.17 -6.14 5.80
C PHE A 25 10.76 -6.06 4.33
N GLY A 26 10.46 -4.86 3.82
CA GLY A 26 10.03 -4.66 2.44
C GLY A 26 10.53 -3.36 1.88
N PHE A 27 10.59 -3.28 0.55
CA PHE A 27 10.74 -2.00 -0.18
C PHE A 27 9.40 -1.69 -0.84
N HIS A 28 9.06 -0.41 -0.90
CA HIS A 28 7.76 0.07 -1.44
C HIS A 28 8.05 1.31 -2.27
N PHE A 29 7.34 1.45 -3.38
CA PHE A 29 7.43 2.60 -4.31
C PHE A 29 6.03 3.23 -4.44
N ASP A 30 5.86 4.45 -3.96
CA ASP A 30 4.56 5.16 -3.92
C ASP A 30 3.63 4.21 -3.11
N ALA A 31 2.48 3.81 -3.63
CA ALA A 31 1.51 2.98 -2.87
C ALA A 31 1.81 1.48 -3.02
N ASP A 32 2.75 1.09 -3.90
CA ASP A 32 2.92 -0.34 -4.27
C ASP A 32 4.16 -1.00 -3.65
N GLU A 33 4.13 -2.32 -3.53
CA GLU A 33 5.22 -3.12 -2.92
C GLU A 33 6.19 -3.51 -4.03
N LEU A 34 7.47 -3.20 -3.91
CA LEU A 34 8.53 -3.77 -4.82
C LEU A 34 8.81 -5.22 -4.43
N PHE A 35 9.20 -5.44 -3.18
CA PHE A 35 9.48 -6.78 -2.63
C PHE A 35 9.35 -6.78 -1.11
N HIS A 36 9.34 -7.98 -0.55
CA HIS A 36 9.61 -8.23 0.88
C HIS A 36 10.62 -9.38 0.96
N VAL A 37 11.35 -9.46 2.05
CA VAL A 37 12.27 -10.60 2.37
C VAL A 37 11.54 -11.60 3.27
N GLU A 38 11.48 -12.86 2.82
CA GLU A 38 11.16 -14.08 3.61
C GLU A 38 12.35 -14.29 4.56
N LEU A 39 12.20 -13.84 5.80
CA LEU A 39 13.30 -13.70 6.78
C LEU A 39 13.83 -15.09 7.21
N ASP A 40 12.96 -16.11 7.32
CA ASP A 40 13.29 -17.55 7.54
C ASP A 40 14.28 -18.09 6.51
N ALA A 41 14.11 -17.73 5.24
CA ALA A 41 14.79 -18.33 4.08
C ALA A 41 15.81 -17.37 3.48
N ALA A 42 15.99 -16.18 4.06
CA ALA A 42 16.89 -15.12 3.54
C ALA A 42 16.62 -14.92 2.04
N GLN A 43 15.36 -14.86 1.63
CA GLN A 43 14.94 -14.84 0.20
C GLN A 43 14.22 -13.53 -0.12
N THR A 44 14.69 -12.75 -1.08
CA THR A 44 13.93 -11.60 -1.65
C THR A 44 12.76 -12.10 -2.53
N VAL A 45 11.54 -11.66 -2.24
CA VAL A 45 10.34 -12.07 -3.02
C VAL A 45 9.73 -10.83 -3.67
N TRP A 46 9.90 -10.71 -4.98
CA TRP A 46 9.39 -9.53 -5.75
C TRP A 46 7.87 -9.62 -5.90
N ARG A 47 7.17 -8.48 -5.88
CA ARG A 47 5.69 -8.47 -5.89
C ARG A 47 5.23 -8.98 -7.26
N LEU A 48 5.91 -8.57 -8.32
CA LEU A 48 5.70 -9.08 -9.68
C LEU A 48 7.01 -9.77 -10.05
N PRO A 49 6.99 -11.08 -10.38
CA PRO A 49 8.25 -11.81 -10.51
C PRO A 49 9.14 -11.18 -11.59
N GLU A 50 8.57 -10.43 -12.55
CA GLU A 50 9.38 -9.83 -13.66
C GLU A 50 10.34 -8.77 -13.11
N PHE A 51 10.05 -8.15 -11.95
CA PHE A 51 10.93 -7.12 -11.35
C PHE A 51 12.34 -7.70 -11.09
N GLY A 52 12.40 -8.99 -10.78
CA GLY A 52 13.62 -9.79 -10.54
C GLY A 52 14.55 -9.89 -11.75
N ARG A 53 14.06 -9.61 -12.95
CA ARG A 53 14.89 -9.57 -14.18
C ARG A 53 15.66 -8.24 -14.28
N PHE A 54 15.26 -7.24 -13.51
CA PHE A 54 15.85 -5.88 -13.65
C PHE A 54 16.70 -5.50 -12.44
N ALA A 55 16.42 -6.09 -11.28
CA ALA A 55 17.13 -5.73 -10.05
C ALA A 55 17.28 -6.94 -9.11
N SER A 56 18.17 -6.82 -8.14
CA SER A 56 18.35 -7.86 -7.12
C SER A 56 18.49 -7.18 -5.77
N PHE A 57 18.17 -7.88 -4.68
CA PHE A 57 18.45 -7.36 -3.34
C PHE A 57 19.01 -8.51 -2.49
N GLU A 58 20.14 -8.29 -1.84
CA GLU A 58 20.71 -9.31 -0.93
C GLU A 58 19.99 -9.25 0.40
N ALA A 59 19.46 -10.37 0.86
CA ALA A 59 18.69 -10.39 2.11
C ALA A 59 19.56 -10.21 3.35
N GLN A 60 20.88 -10.36 3.23
CA GLN A 60 21.82 -10.13 4.37
C GLN A 60 21.47 -8.84 5.12
N GLY A 61 21.33 -7.74 4.40
CA GLY A 61 20.99 -6.45 5.04
C GLY A 61 19.72 -6.56 5.89
N ALA A 62 18.70 -7.29 5.41
CA ALA A 62 17.44 -7.49 6.15
C ALA A 62 17.70 -8.33 7.40
N LEU A 63 18.58 -9.34 7.33
CA LEU A 63 18.83 -10.24 8.48
C LEU A 63 19.48 -9.43 9.61
N GLN A 64 20.42 -8.54 9.27
CA GLN A 64 21.08 -7.61 10.21
C GLN A 64 20.05 -6.64 10.83
N ASN A 65 19.19 -6.04 10.02
CA ASN A 65 18.16 -5.08 10.49
C ASN A 65 17.20 -5.82 11.43
N MET A 66 16.86 -7.07 11.12
CA MET A 66 15.94 -7.86 11.98
C MET A 66 16.55 -8.00 13.38
N ALA A 67 17.85 -8.31 13.46
CA ALA A 67 18.53 -8.60 14.73
C ALA A 67 18.47 -7.35 15.59
N VAL A 68 18.83 -6.19 15.02
CA VAL A 68 18.95 -4.92 15.77
C VAL A 68 17.55 -4.40 16.10
N GLY A 69 16.62 -4.51 15.16
CA GLY A 69 15.21 -4.12 15.33
C GLY A 69 14.55 -4.91 16.44
N LYS A 70 14.85 -6.20 16.57
CA LYS A 70 14.27 -6.99 17.69
C LYS A 70 14.85 -6.51 19.02
N GLN A 71 16.14 -6.16 19.05
CA GLN A 71 16.76 -5.64 20.29
C GLN A 71 16.20 -4.25 20.60
N ASN A 72 16.06 -3.37 19.59
CA ASN A 72 15.51 -2.00 19.80
C ASN A 72 14.09 -2.12 20.35
N LEU A 73 13.32 -3.13 19.91
CA LEU A 73 11.94 -3.37 20.42
C LEU A 73 11.98 -3.56 21.93
N GLU A 74 12.88 -4.40 22.45
CA GLU A 74 13.05 -4.61 23.93
C GLU A 74 13.48 -3.31 24.61
N VAL A 75 14.37 -2.52 24.01
CA VAL A 75 14.79 -1.22 24.58
C VAL A 75 13.56 -0.29 24.71
N MET A 76 12.72 -0.19 23.67
CA MET A 76 11.58 0.75 23.70
C MET A 76 10.51 0.22 24.68
N ILE A 77 10.37 -1.09 24.79
CA ILE A 77 9.42 -1.72 25.77
C ILE A 77 9.87 -1.31 27.18
N SER A 78 11.17 -1.40 27.51
CA SER A 78 11.69 -1.03 28.86
C SER A 78 11.65 0.50 29.05
N ASN A 79 12.17 1.31 28.13
CA ASN A 79 12.21 2.79 28.28
C ASN A 79 10.80 3.39 28.41
N SER A 80 9.77 2.76 27.81
CA SER A 80 8.36 3.25 27.82
C SER A 80 7.62 2.73 29.06
N ASN A 81 8.25 1.89 29.87
CA ASN A 81 7.61 1.10 30.95
C ASN A 81 6.40 0.35 30.39
N ARG A 82 6.62 -0.40 29.30
CA ARG A 82 5.64 -1.32 28.66
C ARG A 82 4.38 -0.54 28.27
N SER A 83 4.49 0.67 27.72
CA SER A 83 3.28 1.42 27.32
C SER A 83 2.66 0.74 26.07
N GLN A 84 1.33 0.76 25.99
CA GLN A 84 0.54 0.03 24.97
C GLN A 84 -0.46 1.00 24.36
N GLN A 85 -1.01 0.68 23.19
CA GLN A 85 -2.03 1.53 22.55
C GLN A 85 -3.22 0.68 22.15
N ASP A 86 -4.37 1.32 22.02
CA ASP A 86 -5.64 0.73 21.55
C ASP A 86 -5.41 0.17 20.14
N PHE A 87 -5.97 -1.01 19.87
CA PHE A 87 -6.08 -1.59 18.52
C PHE A 87 -7.02 -0.70 17.70
N VAL A 88 -6.80 -0.63 16.40
CA VAL A 88 -7.67 0.06 15.42
C VAL A 88 -8.18 -1.00 14.47
N THR A 89 -9.52 -1.09 14.31
CA THR A 89 -10.23 -2.14 13.57
C THR A 89 -10.06 -1.94 12.07
N PRO A 90 -9.85 -3.01 11.28
CA PRO A 90 -9.84 -2.89 9.82
C PRO A 90 -11.15 -2.39 9.20
N GLU A 91 -11.03 -1.50 8.22
CA GLU A 91 -12.08 -1.11 7.25
C GLU A 91 -11.90 -1.93 5.95
N LEU A 92 -12.92 -2.62 5.47
CA LEU A 92 -12.84 -3.52 4.29
C LEU A 92 -13.43 -2.87 3.05
N ALA A 93 -12.76 -3.04 1.91
CA ALA A 93 -13.29 -2.83 0.56
C ALA A 93 -13.22 -4.19 -0.17
N LEU A 94 -14.22 -4.49 -0.98
CA LEU A 94 -14.32 -5.81 -1.69
C LEU A 94 -14.82 -5.52 -3.10
N PHE A 95 -13.95 -5.70 -4.10
CA PHE A 95 -14.22 -5.31 -5.50
C PHE A 95 -13.48 -6.23 -6.45
N PRO A 96 -14.06 -6.45 -7.66
CA PRO A 96 -13.38 -7.25 -8.66
C PRO A 96 -12.28 -6.43 -9.36
N ALA A 97 -11.21 -7.10 -9.81
CA ALA A 97 -10.11 -6.46 -10.55
C ALA A 97 -10.65 -5.88 -11.87
N GLU A 98 -11.57 -6.59 -12.52
CA GLU A 98 -12.02 -6.28 -13.90
C GLU A 98 -13.56 -6.25 -13.97
N ALA A 99 -14.07 -5.70 -15.07
CA ALA A 99 -15.50 -5.68 -15.42
C ALA A 99 -15.98 -7.12 -15.37
N VAL A 100 -17.07 -7.37 -14.65
CA VAL A 100 -17.60 -8.74 -14.40
C VAL A 100 -18.49 -9.13 -15.58
N SER A 101 -18.31 -10.33 -16.14
CA SER A 101 -19.30 -11.01 -17.04
C SER A 101 -19.48 -12.43 -16.53
N LEU A 102 -20.73 -12.89 -16.44
CA LEU A 102 -21.04 -14.22 -15.86
C LEU A 102 -20.23 -15.26 -16.62
N GLU A 103 -19.69 -16.24 -15.90
CA GLU A 103 -18.89 -17.38 -16.44
C GLU A 103 -17.59 -16.92 -17.14
N GLU A 104 -17.08 -15.70 -16.88
CA GLU A 104 -15.72 -15.25 -17.34
C GLU A 104 -14.78 -15.07 -16.15
N PRO A 105 -13.50 -15.53 -16.25
CA PRO A 105 -12.60 -15.56 -15.09
C PRO A 105 -12.18 -14.15 -14.63
N ASN A 106 -11.99 -13.98 -13.33
CA ASN A 106 -11.75 -12.64 -12.74
C ASN A 106 -11.09 -12.87 -11.38
N VAL A 107 -10.86 -11.79 -10.67
CA VAL A 107 -10.18 -11.80 -9.34
C VAL A 107 -10.95 -10.83 -8.44
N LEU A 108 -11.40 -11.34 -7.32
CA LEU A 108 -12.04 -10.51 -6.26
C LEU A 108 -10.92 -10.07 -5.31
N ILE A 109 -10.91 -8.79 -4.98
CA ILE A 109 -9.90 -8.16 -4.13
C ILE A 109 -10.56 -7.73 -2.83
N CYS A 110 -10.05 -8.23 -1.73
CA CYS A 110 -10.42 -7.79 -0.38
C CYS A 110 -9.28 -6.95 0.18
N TYR A 111 -9.58 -5.68 0.39
CA TYR A 111 -8.60 -4.68 0.85
C TYR A 111 -8.96 -4.32 2.29
N ALA A 112 -8.13 -4.71 3.25
CA ALA A 112 -8.26 -4.30 4.67
C ALA A 112 -7.40 -3.06 4.90
N ASP A 113 -7.98 -1.99 5.42
CA ASP A 113 -7.30 -0.67 5.52
C ASP A 113 -7.47 -0.10 6.94
N LYS A 114 -6.55 0.79 7.28
CA LYS A 114 -6.55 1.65 8.50
C LYS A 114 -6.66 0.79 9.77
N PHE A 115 -5.84 -0.23 9.91
CA PHE A 115 -5.86 -1.05 11.14
C PHE A 115 -4.46 -1.10 11.76
N TRP A 116 -4.44 -1.47 13.02
CA TRP A 116 -3.20 -1.52 13.85
C TRP A 116 -3.51 -2.43 15.02
N PRO A 117 -2.64 -3.40 15.39
CA PRO A 117 -1.36 -3.64 14.72
C PRO A 117 -1.45 -4.52 13.48
N PRO A 118 -0.37 -4.58 12.66
CA PRO A 118 -0.37 -5.34 11.41
C PRO A 118 -0.32 -6.85 11.65
N VAL A 119 -1.45 -7.39 12.12
CA VAL A 119 -1.72 -8.85 12.25
C VAL A 119 -3.19 -9.06 11.86
N ALA A 120 -3.45 -9.65 10.69
CA ALA A 120 -4.84 -9.85 10.19
C ALA A 120 -4.87 -10.92 9.10
N THR A 121 -5.74 -11.91 9.28
CA THR A 121 -5.93 -13.01 8.32
C THR A 121 -7.27 -12.83 7.62
N MET A 122 -7.29 -13.11 6.33
CA MET A 122 -8.50 -13.10 5.47
C MET A 122 -9.00 -14.53 5.31
N GLU A 123 -10.31 -14.69 5.37
CA GLU A 123 -11.02 -15.96 5.11
C GLU A 123 -12.05 -15.66 4.03
N TRP A 124 -12.00 -16.41 2.94
CA TRP A 124 -12.96 -16.26 1.83
C TRP A 124 -14.02 -17.36 1.92
N ARG A 125 -15.25 -16.99 1.61
CA ARG A 125 -16.41 -17.90 1.49
C ARG A 125 -17.13 -17.63 0.18
N ARG A 126 -17.74 -18.67 -0.39
CA ARG A 126 -18.64 -18.63 -1.57
C ARG A 126 -19.89 -19.42 -1.17
N ASN A 127 -21.04 -18.76 -1.16
CA ASN A 127 -22.35 -19.36 -0.77
C ASN A 127 -22.20 -20.01 0.62
N GLY A 128 -21.52 -19.31 1.54
CA GLY A 128 -21.28 -19.73 2.93
C GLY A 128 -20.17 -20.75 3.11
N ALA A 129 -19.57 -21.29 2.05
CA ALA A 129 -18.52 -22.33 2.16
C ALA A 129 -17.12 -21.72 1.95
N VAL A 130 -16.17 -22.09 2.80
CA VAL A 130 -14.75 -21.63 2.73
C VAL A 130 -14.15 -22.04 1.37
N VAL A 131 -13.50 -21.10 0.70
CA VAL A 131 -12.79 -21.32 -0.60
C VAL A 131 -11.40 -20.76 -0.41
N SER A 132 -10.38 -21.41 -0.94
CA SER A 132 -8.99 -20.93 -0.79
C SER A 132 -8.11 -21.21 -2.03
N GLU A 133 -8.63 -21.80 -3.10
CA GLU A 133 -7.85 -22.20 -4.31
C GLU A 133 -7.25 -20.94 -4.96
N GLY A 134 -5.92 -20.88 -5.02
CA GLY A 134 -5.17 -19.85 -5.75
C GLY A 134 -5.17 -18.51 -5.03
N VAL A 135 -5.55 -18.47 -3.75
CA VAL A 135 -5.61 -17.18 -3.00
C VAL A 135 -4.21 -16.62 -2.79
N TYR A 136 -4.05 -15.32 -2.97
CA TYR A 136 -2.76 -14.67 -2.65
C TYR A 136 -3.01 -13.65 -1.54
N ASP A 137 -2.20 -13.66 -0.50
CA ASP A 137 -2.31 -12.66 0.58
C ASP A 137 -1.07 -11.78 0.56
N SER A 138 -1.28 -10.47 0.58
CA SER A 138 -0.15 -9.50 0.60
C SER A 138 0.45 -9.38 1.98
N VAL A 139 1.65 -8.80 2.05
CA VAL A 139 2.26 -8.44 3.36
C VAL A 139 1.62 -7.12 3.77
N TYR A 140 1.97 -6.58 4.93
CA TYR A 140 1.30 -5.35 5.45
C TYR A 140 1.97 -4.08 4.92
N TYR A 141 1.16 -3.19 4.33
CA TYR A 141 1.68 -1.92 3.79
C TYR A 141 1.35 -0.80 4.75
N GLY A 142 2.37 -0.03 5.09
CA GLY A 142 2.20 1.07 6.03
C GLY A 142 1.53 2.28 5.43
N ARG A 143 1.11 3.20 6.27
CA ARG A 143 0.49 4.48 5.86
C ARG A 143 1.20 5.58 6.62
N PRO A 144 1.24 6.84 6.11
CA PRO A 144 1.78 7.96 6.88
C PRO A 144 1.19 8.11 8.29
N ASP A 145 -0.08 7.73 8.51
CA ASP A 145 -0.75 7.83 9.84
C ASP A 145 -0.40 6.65 10.75
N LEU A 146 0.54 5.76 10.37
CA LEU A 146 1.08 4.64 11.20
C LEU A 146 0.05 3.53 11.41
N LEU A 147 -0.98 3.44 10.54
CA LEU A 147 -1.91 2.29 10.44
C LEU A 147 -1.45 1.46 9.25
N PHE A 148 -2.05 0.31 9.04
CA PHE A 148 -1.58 -0.66 8.02
C PHE A 148 -2.72 -1.05 7.10
N ARG A 149 -2.35 -1.67 5.99
CA ARG A 149 -3.32 -2.19 5.00
C ARG A 149 -2.74 -3.45 4.38
N LYS A 150 -3.63 -4.25 3.80
CA LYS A 150 -3.34 -5.59 3.26
C LYS A 150 -4.40 -5.95 2.22
N PHE A 151 -3.98 -6.69 1.23
CA PHE A 151 -4.77 -7.17 0.09
C PHE A 151 -4.79 -8.70 0.14
N SER A 152 -5.94 -9.25 -0.19
CA SER A 152 -6.11 -10.68 -0.52
C SER A 152 -6.86 -10.78 -1.85
N TYR A 153 -6.52 -11.78 -2.64
CA TYR A 153 -7.02 -11.99 -4.02
C TYR A 153 -7.65 -13.37 -4.11
N LEU A 154 -8.91 -13.47 -4.55
CA LEU A 154 -9.61 -14.75 -4.85
C LEU A 154 -9.93 -14.85 -6.33
N PRO A 155 -9.26 -15.76 -7.08
CA PRO A 155 -9.65 -16.10 -8.43
C PRO A 155 -11.07 -16.67 -8.40
N PHE A 156 -11.91 -16.23 -9.32
CA PHE A 156 -13.31 -16.71 -9.38
C PHE A 156 -13.82 -16.64 -10.81
N VAL A 157 -14.76 -17.55 -11.04
CA VAL A 157 -15.60 -17.61 -12.26
C VAL A 157 -17.03 -17.49 -11.73
N PRO A 158 -17.68 -16.34 -11.92
CA PRO A 158 -18.99 -16.10 -11.31
C PRO A 158 -20.17 -16.81 -12.00
N GLN A 159 -21.06 -17.41 -11.20
CA GLN A 159 -22.40 -17.91 -11.61
C GLN A 159 -23.46 -16.98 -11.02
N ARG A 160 -24.57 -16.75 -11.74
CA ARG A 160 -25.73 -16.00 -11.21
C ARG A 160 -26.07 -16.60 -9.84
N GLY A 161 -26.25 -15.76 -8.80
CA GLY A 161 -26.71 -16.22 -7.47
C GLY A 161 -25.54 -16.50 -6.54
N ASP A 162 -24.31 -16.41 -7.03
CA ASP A 162 -23.14 -16.54 -6.12
C ASP A 162 -23.12 -15.35 -5.14
N VAL A 163 -22.73 -15.63 -3.91
CA VAL A 163 -22.49 -14.63 -2.84
C VAL A 163 -21.09 -14.91 -2.29
N TYR A 164 -20.18 -13.97 -2.46
CA TYR A 164 -18.78 -14.05 -1.94
C TYR A 164 -18.70 -13.21 -0.67
N SER A 165 -17.90 -13.65 0.29
CA SER A 165 -17.54 -12.87 1.49
C SER A 165 -16.03 -12.96 1.73
N CYS A 166 -15.49 -11.87 2.24
CA CYS A 166 -14.16 -11.79 2.84
C CYS A 166 -14.36 -11.41 4.30
N ALA A 167 -13.80 -12.20 5.22
CA ALA A 167 -13.79 -11.96 6.68
C ALA A 167 -12.33 -11.72 7.11
N VAL A 168 -12.11 -10.63 7.85
CA VAL A 168 -10.77 -10.28 8.41
C VAL A 168 -10.80 -10.46 9.91
N ARG A 169 -9.98 -11.37 10.43
CA ARG A 169 -9.72 -11.58 11.87
C ARG A 169 -8.45 -10.81 12.22
N HIS A 170 -8.64 -9.74 12.95
CA HIS A 170 -7.57 -8.86 13.47
C HIS A 170 -7.17 -9.48 14.80
N TRP A 171 -5.88 -9.44 15.14
CA TRP A 171 -5.35 -9.99 16.42
C TRP A 171 -6.15 -9.45 17.61
N GLY A 172 -6.51 -10.36 18.52
CA GLY A 172 -7.18 -10.05 19.81
C GLY A 172 -8.69 -9.85 19.72
N ALA A 173 -9.25 -9.76 18.50
CA ALA A 173 -10.66 -9.33 18.25
C ALA A 173 -11.63 -10.45 18.61
N GLU A 174 -12.79 -10.12 19.20
CA GLU A 174 -13.79 -11.14 19.61
C GLU A 174 -14.50 -11.69 18.38
N GLY A 175 -14.49 -10.98 17.24
CA GLY A 175 -15.03 -11.52 15.97
C GLY A 175 -14.47 -10.83 14.73
N PRO A 176 -14.65 -11.43 13.53
CA PRO A 176 -14.13 -10.85 12.30
C PRO A 176 -14.97 -9.67 11.79
N VAL A 177 -14.33 -8.77 11.06
CA VAL A 177 -14.99 -7.80 10.16
C VAL A 177 -15.27 -8.53 8.83
N GLN A 178 -16.39 -8.20 8.17
CA GLN A 178 -16.86 -8.98 7.00
C GLN A 178 -17.53 -8.05 5.96
N ARG A 179 -17.45 -8.45 4.68
CA ARG A 179 -18.06 -7.77 3.53
C ARG A 179 -18.51 -8.86 2.56
N MET A 180 -19.65 -8.66 1.91
CA MET A 180 -20.19 -9.61 0.92
C MET A 180 -20.17 -8.91 -0.43
N TRP A 181 -20.15 -9.69 -1.49
CA TRP A 181 -20.16 -9.20 -2.87
C TRP A 181 -20.88 -10.23 -3.73
N GLU A 182 -21.71 -9.76 -4.66
CA GLU A 182 -22.44 -10.61 -5.63
C GLU A 182 -22.23 -10.05 -7.02
N PRO A 183 -22.07 -10.94 -8.02
CA PRO A 183 -21.94 -10.52 -9.42
C PRO A 183 -23.28 -9.91 -9.91
N GLU A 184 -23.18 -8.90 -10.78
CA GLU A 184 -24.33 -8.24 -11.47
C GLU A 184 -25.15 -7.46 -10.43
N MET B 2 21.21 -4.12 -11.76
CA MET B 2 22.19 -4.04 -10.71
C MET B 2 21.50 -4.28 -9.34
N SER B 3 22.29 -4.51 -8.29
CA SER B 3 21.86 -4.88 -6.92
C SER B 3 21.51 -3.59 -6.16
N MET B 4 20.35 -3.56 -5.54
CA MET B 4 19.87 -2.40 -4.79
C MET B 4 20.57 -2.37 -3.45
N SER B 5 20.76 -1.19 -2.88
CA SER B 5 21.44 -1.06 -1.56
C SER B 5 20.41 -0.80 -0.45
N THR B 6 20.67 -1.38 0.73
CA THR B 6 19.88 -1.18 1.98
C THR B 6 19.94 0.32 2.27
N MET B 7 18.89 0.90 2.80
CA MET B 7 18.83 2.39 2.89
C MET B 7 19.00 2.83 4.34
N ASN B 8 19.73 2.05 5.12
CA ASN B 8 20.11 2.44 6.50
C ASN B 8 21.33 1.61 6.88
N MET B 9 21.95 1.90 8.01
CA MET B 9 22.91 0.97 8.61
C MET B 9 22.30 0.58 9.96
N PRO B 10 22.55 -0.67 10.42
CA PRO B 10 21.93 -1.15 11.65
C PRO B 10 22.34 -0.24 12.82
N MET B 11 21.38 0.35 13.52
CA MET B 11 21.67 1.34 14.58
C MET B 11 20.94 0.92 15.87
N ALA B 12 21.68 0.83 16.97
CA ALA B 12 21.19 0.26 18.25
C ALA B 12 20.75 1.42 19.15
N MET B 13 19.56 1.27 19.75
CA MET B 13 19.01 2.21 20.74
C MET B 13 19.66 1.90 22.11
N LYS B 14 19.74 2.91 22.98
CA LYS B 14 20.30 2.83 24.36
C LYS B 14 19.16 2.67 25.37
N VAL B 15 19.20 1.62 26.20
CA VAL B 15 18.27 1.51 27.38
C VAL B 15 18.67 2.58 28.39
N GLY B 16 17.70 3.27 29.00
CA GLY B 16 17.94 4.37 29.96
C GLY B 16 16.66 4.94 30.54
N GLY B 23 12.05 6.78 31.52
CA GLY B 23 12.26 5.83 32.62
C GLY B 23 12.69 4.46 32.11
N GLY B 24 12.60 3.43 32.96
CA GLY B 24 12.95 2.07 32.53
C GLY B 24 12.30 0.95 33.32
N SER B 25 11.83 -0.12 32.65
CA SER B 25 11.19 -1.31 33.26
C SER B 25 10.24 -1.95 32.23
N GLY B 29 -4.57 -6.55 32.02
CA GLY B 29 -3.78 -7.45 32.87
C GLY B 29 -2.75 -8.25 32.09
N SER B 30 -2.97 -9.56 31.87
CA SER B 30 -2.00 -10.47 31.22
C SER B 30 -1.73 -10.19 29.72
N SER B 31 -2.77 -9.91 28.92
CA SER B 31 -2.51 -9.76 27.46
C SER B 31 -1.73 -8.48 27.17
N ALA B 32 -0.83 -8.55 26.19
CA ALA B 32 0.00 -7.37 25.86
C ALA B 32 0.43 -7.37 24.40
N PHE B 33 0.64 -6.19 23.83
CA PHE B 33 1.16 -6.08 22.44
C PHE B 33 2.17 -4.93 22.35
N PHE B 34 3.30 -5.18 21.72
CA PHE B 34 4.41 -4.22 21.54
C PHE B 34 4.85 -4.22 20.06
N PHE B 35 5.05 -3.04 19.51
CA PHE B 35 5.39 -2.81 18.09
C PHE B 35 6.50 -1.77 18.00
N CYS B 36 7.42 -2.01 17.07
CA CYS B 36 8.64 -1.22 16.78
C CYS B 36 8.75 -1.18 15.25
N GLY B 37 8.75 0.02 14.68
CA GLY B 37 8.85 0.19 13.21
C GLY B 37 10.02 1.06 12.90
N ALA B 38 10.66 0.85 11.78
CA ALA B 38 11.65 1.78 11.22
C ALA B 38 11.35 1.92 9.73
N ILE B 39 11.35 3.17 9.25
CA ILE B 39 10.99 3.54 7.86
C ILE B 39 12.11 4.45 7.36
N PHE B 40 12.63 4.14 6.19
CA PHE B 40 13.72 4.90 5.53
C PHE B 40 13.20 5.31 4.16
N GLU B 41 13.09 6.61 3.91
CA GLU B 41 12.37 7.09 2.71
C GLU B 41 13.32 7.98 1.90
N CYS B 42 13.41 7.72 0.61
CA CYS B 42 13.99 8.65 -0.38
C CYS B 42 12.84 9.38 -1.10
N HIS B 43 12.65 10.68 -0.85
CA HIS B 43 11.63 11.50 -1.55
C HIS B 43 12.31 12.09 -2.79
N TYR B 44 12.00 11.59 -3.98
CA TYR B 44 12.53 12.15 -5.26
C TYR B 44 11.61 13.29 -5.69
N LEU B 45 11.96 14.52 -5.35
CA LEU B 45 11.12 15.71 -5.67
C LEU B 45 11.31 16.11 -7.14
N ASN B 46 12.46 15.83 -7.76
CA ASN B 46 12.67 16.14 -9.19
C ASN B 46 13.68 15.12 -9.77
N GLY B 47 13.23 13.88 -10.00
CA GLY B 47 14.15 12.72 -10.12
C GLY B 47 15.22 12.81 -9.05
N THR B 48 16.50 12.75 -9.43
CA THR B 48 17.63 12.74 -8.45
C THR B 48 18.27 14.14 -8.34
N GLU B 49 17.73 15.15 -9.03
CA GLU B 49 18.22 16.56 -8.87
C GLU B 49 17.91 17.06 -7.45
N ARG B 50 16.83 16.61 -6.83
CA ARG B 50 16.46 17.05 -5.47
C ARG B 50 15.90 15.83 -4.73
N VAL B 51 16.62 15.35 -3.73
CA VAL B 51 16.25 14.14 -2.95
C VAL B 51 16.27 14.53 -1.47
N ARG B 52 15.23 14.15 -0.74
CA ARG B 52 15.17 14.29 0.72
C ARG B 52 15.12 12.87 1.29
N TYR B 53 16.06 12.52 2.16
CA TYR B 53 16.11 11.21 2.84
C TYR B 53 15.57 11.42 4.25
N LEU B 54 14.65 10.56 4.68
CA LEU B 54 14.09 10.57 6.05
C LEU B 54 14.31 9.23 6.71
N GLN B 55 14.59 9.22 8.01
CA GLN B 55 14.48 8.01 8.87
C GLN B 55 13.35 8.30 9.85
N ARG B 56 12.55 7.30 10.19
CA ARG B 56 11.49 7.42 11.22
C ARG B 56 11.55 6.16 12.10
N TYR B 57 11.53 6.39 13.40
CA TYR B 57 11.51 5.27 14.37
C TYR B 57 10.16 5.35 15.08
N ILE B 58 9.46 4.24 15.14
CA ILE B 58 8.08 4.25 15.69
C ILE B 58 7.95 3.19 16.78
N TYR B 59 7.29 3.54 17.87
CA TYR B 59 6.96 2.56 18.93
C TYR B 59 5.44 2.57 19.00
N ASN B 60 4.80 1.42 18.82
CA ASN B 60 3.32 1.38 18.78
C ASN B 60 2.85 2.31 17.64
N ARG B 61 2.10 3.35 17.97
CA ARG B 61 1.57 4.25 16.93
C ARG B 61 2.16 5.66 17.06
N GLN B 62 3.36 5.77 17.61
CA GLN B 62 3.99 7.10 17.79
C GLN B 62 5.39 7.19 17.19
N GLN B 63 5.65 8.26 16.43
CA GLN B 63 7.02 8.49 15.92
C GLN B 63 7.84 9.13 17.05
N LEU B 64 8.81 8.40 17.57
CA LEU B 64 9.71 8.82 18.67
C LEU B 64 10.72 9.85 18.18
N VAL B 65 11.36 9.55 17.07
CA VAL B 65 12.53 10.32 16.56
C VAL B 65 12.57 10.15 15.04
N HIS B 66 13.04 11.18 14.33
CA HIS B 66 13.29 11.13 12.88
C HIS B 66 14.63 11.80 12.53
N PHE B 67 15.05 11.60 11.29
CA PHE B 67 16.28 12.17 10.72
C PHE B 67 15.93 12.71 9.33
N ASP B 68 16.28 13.95 9.06
CA ASP B 68 16.04 14.63 7.75
C ASP B 68 17.41 14.95 7.19
N SER B 69 17.73 14.44 6.02
CA SER B 69 19.03 14.65 5.31
C SER B 69 19.31 16.16 5.10
N ASP B 70 18.24 16.97 5.04
CA ASP B 70 18.29 18.44 4.82
C ASP B 70 18.79 19.15 6.09
N VAL B 71 18.61 18.52 7.26
CA VAL B 71 18.99 19.03 8.62
C VAL B 71 20.28 18.34 9.08
N GLY B 72 20.37 17.00 8.96
CA GLY B 72 21.62 16.26 9.15
C GLY B 72 21.81 15.84 10.59
N LYS B 73 20.74 15.88 11.39
CA LYS B 73 20.76 15.40 12.79
C LYS B 73 19.39 14.82 13.14
N PHE B 74 19.36 13.95 14.15
CA PHE B 74 18.13 13.36 14.71
C PHE B 74 17.37 14.39 15.52
N VAL B 75 16.06 14.30 15.44
CA VAL B 75 15.12 15.21 16.12
C VAL B 75 14.09 14.33 16.81
N ALA B 76 13.96 14.47 18.13
CA ALA B 76 12.96 13.77 18.96
C ALA B 76 11.62 14.48 18.77
N ASP B 77 10.58 13.70 18.53
CA ASP B 77 9.19 14.16 18.28
C ASP B 77 8.39 13.97 19.59
N THR B 78 8.74 12.96 20.39
CA THR B 78 8.19 12.69 21.75
C THR B 78 9.33 12.56 22.77
N PRO B 79 9.01 12.58 24.09
CA PRO B 79 10.03 12.39 25.12
C PRO B 79 10.75 11.03 25.08
N LEU B 80 10.07 9.96 24.64
CA LEU B 80 10.70 8.61 24.50
C LEU B 80 11.89 8.65 23.50
N GLY B 81 11.90 9.58 22.55
CA GLY B 81 12.98 9.74 21.57
C GLY B 81 14.10 10.68 22.00
N GLU B 82 13.99 11.41 23.12
CA GLU B 82 14.96 12.49 23.44
C GLU B 82 16.30 11.89 23.81
N PRO B 83 16.37 10.81 24.64
CA PRO B 83 17.63 10.14 24.91
C PRO B 83 18.29 9.64 23.61
N GLN B 84 17.51 8.99 22.71
CA GLN B 84 18.06 8.36 21.49
C GLN B 84 18.61 9.45 20.56
N ALA B 85 17.86 10.54 20.36
CA ALA B 85 18.33 11.67 19.53
C ALA B 85 19.65 12.18 20.08
N GLU B 86 19.72 12.46 21.38
CA GLU B 86 20.91 13.07 22.02
C GLU B 86 22.08 12.08 21.92
N TYR B 87 21.81 10.79 22.12
CA TYR B 87 22.81 9.71 22.07
C TYR B 87 23.38 9.62 20.64
N TRP B 88 22.51 9.44 19.64
CA TRP B 88 22.95 9.29 18.23
C TRP B 88 23.63 10.57 17.73
N ASN B 89 23.11 11.74 18.10
CA ASN B 89 23.66 13.04 17.63
C ASN B 89 25.11 13.27 18.09
N SER B 90 25.61 12.56 19.09
CA SER B 90 26.97 12.76 19.66
C SER B 90 27.94 11.82 18.94
N ASN B 91 27.44 11.01 18.03
CA ASN B 91 28.23 9.98 17.32
C ASN B 91 28.44 10.41 15.86
N ALA B 92 29.61 10.98 15.55
CA ALA B 92 29.90 11.58 14.23
C ALA B 92 29.97 10.46 13.18
N GLU B 93 30.35 9.26 13.59
CA GLU B 93 30.43 8.10 12.65
C GLU B 93 29.00 7.74 12.19
N LEU B 94 28.08 7.45 13.10
CA LEU B 94 26.62 7.29 12.78
C LEU B 94 26.19 8.37 11.78
N LEU B 95 26.34 9.63 12.13
CA LEU B 95 25.78 10.74 11.31
C LEU B 95 26.46 10.75 9.93
N GLU B 96 27.78 10.52 9.86
CA GLU B 96 28.51 10.51 8.56
C GLU B 96 28.04 9.31 7.73
N ASN B 97 28.00 8.10 8.29
CA ASN B 97 27.44 6.91 7.60
C ASN B 97 26.06 7.25 7.03
N ILE B 98 25.20 7.89 7.82
CA ILE B 98 23.79 8.14 7.42
C ILE B 98 23.80 9.12 6.25
N MET B 99 24.62 10.17 6.30
CA MET B 99 24.63 11.17 5.19
C MET B 99 25.14 10.51 3.89
N ASN B 100 26.05 9.51 3.97
CA ASN B 100 26.59 8.74 2.80
C ASN B 100 25.45 7.96 2.12
N ILE B 101 24.72 7.16 2.89
CA ILE B 101 23.47 6.48 2.44
C ILE B 101 22.51 7.51 1.81
N ALA B 102 22.21 8.61 2.50
CA ALA B 102 21.18 9.59 2.08
C ALA B 102 21.49 10.15 0.68
N ASP B 103 22.77 10.21 0.28
CA ASP B 103 23.17 10.66 -1.09
C ASP B 103 23.34 9.43 -2.02
N GLY B 104 24.23 8.50 -1.67
CA GLY B 104 24.61 7.29 -2.45
C GLY B 104 23.42 6.38 -2.72
N SER B 105 22.85 5.77 -1.67
CA SER B 105 21.76 4.76 -1.75
C SER B 105 20.54 5.31 -2.48
N CYS B 106 20.04 6.49 -2.14
CA CYS B 106 18.81 7.00 -2.81
C CYS B 106 19.11 7.11 -4.30
N ARG B 107 20.25 7.68 -4.68
CA ARG B 107 20.59 7.94 -6.10
C ARG B 107 20.84 6.59 -6.79
N HIS B 108 21.56 5.68 -6.15
CA HIS B 108 21.86 4.33 -6.69
C HIS B 108 20.53 3.57 -6.92
N ASN B 109 19.67 3.46 -5.91
CA ASN B 109 18.38 2.72 -6.02
C ASN B 109 17.50 3.30 -7.14
N TYR B 110 17.46 4.62 -7.27
CA TYR B 110 16.66 5.32 -8.31
C TYR B 110 17.12 4.89 -9.71
N GLY B 111 18.43 4.91 -9.96
CA GLY B 111 19.02 4.46 -11.24
C GLY B 111 18.58 3.06 -11.64
N ILE B 112 18.52 2.12 -10.68
CA ILE B 112 18.07 0.73 -10.94
C ILE B 112 16.55 0.69 -11.20
N LEU B 113 15.75 1.45 -10.46
CA LEU B 113 14.27 1.30 -10.42
C LEU B 113 13.61 2.03 -11.58
N GLU B 114 14.21 3.13 -12.03
CA GLU B 114 13.58 4.14 -12.93
C GLU B 114 12.83 3.45 -14.09
N SER B 115 13.50 2.57 -14.81
CA SER B 115 12.98 2.00 -16.09
C SER B 115 11.71 1.16 -15.85
N PHE B 116 11.51 0.53 -14.69
CA PHE B 116 10.32 -0.34 -14.49
C PHE B 116 9.33 0.17 -13.42
N THR B 117 9.55 1.36 -12.86
CA THR B 117 8.68 1.97 -11.81
C THR B 117 8.22 3.37 -12.30
N VAL B 118 9.06 4.39 -12.15
CA VAL B 118 8.85 5.76 -12.72
C VAL B 118 8.39 5.65 -14.18
N GLN B 119 8.94 4.74 -14.98
CA GLN B 119 8.63 4.63 -16.43
C GLN B 119 7.73 3.42 -16.74
N ARG B 120 7.19 2.74 -15.74
CA ARG B 120 6.20 1.66 -15.99
C ARG B 120 4.96 2.27 -16.67
N SER B 121 4.43 1.59 -17.66
CA SER B 121 3.33 2.11 -18.52
C SER B 121 2.45 0.92 -18.90
N VAL B 122 1.26 0.84 -18.33
CA VAL B 122 0.28 -0.23 -18.65
C VAL B 122 -1.00 0.50 -19.09
N GLU B 123 -1.53 0.12 -20.26
CA GLU B 123 -2.63 0.83 -20.94
C GLU B 123 -3.92 0.55 -20.17
N PRO B 124 -4.85 1.52 -20.06
CA PRO B 124 -6.19 1.24 -19.53
C PRO B 124 -7.05 0.43 -20.50
N LYS B 125 -7.93 -0.46 -19.99
CA LYS B 125 -9.09 -1.03 -20.74
C LYS B 125 -10.35 -0.25 -20.35
N VAL B 126 -11.23 0.04 -21.31
CA VAL B 126 -12.41 0.94 -21.08
C VAL B 126 -13.67 0.16 -21.44
N ARG B 127 -14.65 0.11 -20.54
CA ARG B 127 -15.98 -0.49 -20.79
C ARG B 127 -17.01 0.60 -20.48
N VAL B 128 -17.90 0.87 -21.41
CA VAL B 128 -19.05 1.79 -21.17
C VAL B 128 -20.31 0.94 -21.05
N SER B 129 -21.13 1.24 -20.05
CA SER B 129 -22.44 0.56 -19.88
C SER B 129 -23.39 1.54 -19.20
N ALA B 130 -24.67 1.17 -19.12
CA ALA B 130 -25.73 2.07 -18.65
C ALA B 130 -26.72 1.24 -17.84
N LEU B 131 -27.27 1.84 -16.80
CA LEU B 131 -28.38 1.30 -15.97
C LEU B 131 -29.38 2.43 -15.73
N GLN B 132 -30.65 2.09 -15.56
CA GLN B 132 -31.65 3.07 -15.09
C GLN B 132 -31.34 3.28 -13.60
N SER B 133 -31.51 4.48 -13.08
CA SER B 133 -31.35 4.75 -11.62
C SER B 133 -32.42 3.95 -10.85
N GLY B 134 -32.28 3.93 -9.52
CA GLY B 134 -33.11 3.19 -8.56
C GLY B 134 -34.39 3.94 -8.17
N SER B 135 -34.71 5.06 -8.83
CA SER B 135 -35.90 5.90 -8.50
C SER B 135 -36.35 6.69 -9.72
N LEU B 136 -37.65 6.95 -9.85
CA LEU B 136 -38.21 7.89 -10.83
C LEU B 136 -38.07 9.31 -10.27
N PRO B 137 -37.97 10.37 -11.08
CA PRO B 137 -38.14 10.33 -12.53
C PRO B 137 -37.04 9.57 -13.29
N GLU B 138 -37.40 9.02 -14.44
CA GLU B 138 -36.51 8.18 -15.30
C GLU B 138 -35.18 8.91 -15.56
N THR B 139 -34.08 8.27 -15.20
CA THR B 139 -32.71 8.83 -15.27
C THR B 139 -31.77 7.68 -15.63
N ASP B 140 -30.84 7.90 -16.57
CA ASP B 140 -29.83 6.89 -16.97
C ASP B 140 -28.49 7.20 -16.28
N ARG B 141 -27.83 6.16 -15.78
CA ARG B 141 -26.47 6.25 -15.19
C ARG B 141 -25.51 5.62 -16.18
N LEU B 142 -24.74 6.46 -16.90
CA LEU B 142 -23.75 5.99 -17.88
C LEU B 142 -22.41 5.81 -17.18
N ALA B 143 -21.93 4.58 -17.10
CA ALA B 143 -20.73 4.19 -16.33
C ALA B 143 -19.55 4.06 -17.30
N CYS B 144 -18.46 4.74 -17.00
CA CYS B 144 -17.18 4.58 -17.74
C CYS B 144 -16.21 3.89 -16.79
N TYR B 145 -16.02 2.59 -17.00
CA TYR B 145 -15.25 1.72 -16.11
C TYR B 145 -13.87 1.57 -16.73
N VAL B 146 -12.82 2.00 -16.03
CA VAL B 146 -11.45 2.00 -16.59
C VAL B 146 -10.53 1.19 -15.69
N THR B 147 -9.89 0.15 -16.24
CA THR B 147 -9.17 -0.89 -15.43
C THR B 147 -7.79 -1.18 -16.00
N GLY B 148 -6.91 -1.70 -15.14
CA GLY B 148 -5.64 -2.33 -15.51
C GLY B 148 -4.51 -1.35 -15.76
N PHE B 149 -4.62 -0.06 -15.43
CA PHE B 149 -3.64 0.97 -15.88
C PHE B 149 -2.57 1.26 -14.80
N TYR B 150 -1.41 1.73 -15.29
CA TYR B 150 -0.29 2.29 -14.48
C TYR B 150 0.41 3.32 -15.35
N PRO B 151 0.80 4.52 -14.84
CA PRO B 151 0.63 4.94 -13.46
C PRO B 151 -0.78 5.39 -13.09
N PRO B 152 -1.08 5.68 -11.81
CA PRO B 152 -2.46 5.96 -11.39
C PRO B 152 -3.10 7.27 -11.92
N GLU B 153 -2.29 8.20 -12.38
CA GLU B 153 -2.78 9.49 -12.92
C GLU B 153 -3.46 9.23 -14.26
N ILE B 154 -4.68 9.69 -14.41
CA ILE B 154 -5.54 9.41 -15.59
C ILE B 154 -6.60 10.50 -15.68
N GLU B 155 -7.09 10.83 -16.88
CA GLU B 155 -8.22 11.77 -17.07
C GLU B 155 -9.32 11.01 -17.79
N VAL B 156 -10.50 10.99 -17.16
CA VAL B 156 -11.68 10.24 -17.63
C VAL B 156 -12.84 11.24 -17.60
N LYS B 157 -13.30 11.66 -18.79
CA LYS B 157 -14.34 12.72 -18.98
C LYS B 157 -15.45 12.19 -19.89
N TRP B 158 -16.70 12.59 -19.62
CA TRP B 158 -17.91 12.31 -20.45
C TRP B 158 -18.18 13.49 -21.37
N PHE B 159 -18.51 13.17 -22.63
CA PHE B 159 -18.84 14.15 -23.70
C PHE B 159 -20.27 13.88 -24.17
N LEU B 160 -21.09 14.94 -24.27
CA LEU B 160 -22.43 14.89 -24.87
C LEU B 160 -22.44 15.75 -26.13
N ASN B 161 -22.55 15.12 -27.30
CA ASN B 161 -22.63 15.84 -28.60
C ASN B 161 -21.38 16.71 -28.77
N GLY B 162 -20.20 16.17 -28.44
CA GLY B 162 -18.89 16.81 -28.65
C GLY B 162 -18.49 17.76 -27.52
N ARG B 163 -19.38 18.01 -26.56
CA ARG B 163 -19.20 19.01 -25.47
C ARG B 163 -18.99 18.27 -24.14
N GLU B 164 -18.03 18.72 -23.33
CA GLU B 164 -17.70 18.05 -22.04
C GLU B 164 -18.84 18.27 -21.05
N GLU B 165 -19.31 17.18 -20.40
CA GLU B 165 -20.34 17.23 -19.33
C GLU B 165 -19.60 17.42 -18.01
N THR B 166 -20.01 18.42 -17.22
CA THR B 166 -19.48 18.74 -15.86
C THR B 166 -20.46 18.24 -14.80
N GLU B 167 -21.72 18.66 -14.91
CA GLU B 167 -22.75 18.45 -13.87
C GLU B 167 -23.15 16.97 -13.88
N ARG B 168 -23.44 16.45 -12.69
CA ARG B 168 -23.98 15.07 -12.47
C ARG B 168 -22.94 14.04 -12.93
N VAL B 169 -21.63 14.38 -12.89
CA VAL B 169 -20.51 13.41 -13.02
C VAL B 169 -19.97 13.07 -11.64
N VAL B 170 -20.02 11.79 -11.31
CA VAL B 170 -19.50 11.27 -10.01
C VAL B 170 -18.33 10.35 -10.33
N SER B 171 -17.15 10.63 -9.78
CA SER B 171 -15.96 9.78 -10.02
C SER B 171 -15.50 9.15 -8.71
N THR B 172 -15.27 7.84 -8.72
CA THR B 172 -14.68 7.18 -7.54
C THR B 172 -13.22 7.61 -7.51
N ASP B 173 -12.54 7.34 -6.42
CA ASP B 173 -11.08 7.63 -6.43
C ASP B 173 -10.40 6.62 -7.34
N VAL B 174 -9.22 6.95 -7.85
CA VAL B 174 -8.46 5.91 -8.59
C VAL B 174 -8.18 4.85 -7.53
N MET B 175 -8.58 3.62 -7.78
CA MET B 175 -8.47 2.56 -6.76
C MET B 175 -7.25 1.67 -7.01
N GLN B 176 -6.50 1.40 -5.95
CA GLN B 176 -5.31 0.52 -6.04
C GLN B 176 -5.74 -0.95 -6.07
N ASN B 177 -5.31 -1.70 -7.06
CA ASN B 177 -5.55 -3.16 -7.13
C ASN B 177 -4.49 -3.91 -6.32
N GLY B 178 -3.37 -3.26 -6.03
CA GLY B 178 -2.32 -3.81 -5.17
C GLY B 178 -1.31 -4.64 -5.94
N ASP B 179 -1.50 -4.76 -7.26
CA ASP B 179 -0.62 -5.58 -8.14
C ASP B 179 0.07 -4.69 -9.19
N TRP B 180 0.31 -3.41 -8.86
CA TRP B 180 0.83 -2.34 -9.76
C TRP B 180 -0.16 -2.03 -10.91
N THR B 181 -1.45 -2.11 -10.64
CA THR B 181 -2.47 -1.59 -11.59
C THR B 181 -3.54 -0.90 -10.76
N TYR B 182 -4.32 -0.05 -11.44
CA TYR B 182 -5.32 0.85 -10.83
C TYR B 182 -6.59 0.77 -11.68
N GLN B 183 -7.70 1.20 -11.08
CA GLN B 183 -9.03 1.25 -11.74
C GLN B 183 -9.82 2.46 -11.25
N VAL B 184 -10.75 2.90 -12.06
CA VAL B 184 -11.63 4.05 -11.69
C VAL B 184 -12.96 3.90 -12.43
N LEU B 185 -14.01 4.45 -11.85
CA LEU B 185 -15.42 4.44 -12.32
C LEU B 185 -15.92 5.87 -12.34
N VAL B 186 -16.34 6.36 -13.51
CA VAL B 186 -16.91 7.72 -13.69
C VAL B 186 -18.33 7.57 -14.26
N VAL B 187 -19.34 7.99 -13.51
CA VAL B 187 -20.77 7.82 -13.84
C VAL B 187 -21.39 9.19 -14.15
N LEU B 188 -22.04 9.30 -15.29
CA LEU B 188 -22.77 10.53 -15.68
C LEU B 188 -24.25 10.19 -15.51
N GLU B 189 -24.96 10.93 -14.68
CA GLU B 189 -26.43 10.87 -14.55
C GLU B 189 -27.03 11.85 -15.57
N THR B 190 -27.93 11.36 -16.41
CA THR B 190 -28.43 12.13 -17.56
C THR B 190 -29.83 11.62 -17.91
N VAL B 191 -30.62 12.46 -18.60
CA VAL B 191 -31.89 12.07 -19.28
C VAL B 191 -31.61 12.01 -20.78
N PRO B 192 -31.37 10.84 -21.41
CA PRO B 192 -31.07 10.84 -22.85
C PRO B 192 -32.28 11.30 -23.69
N ARG B 193 -31.98 12.05 -24.75
CA ARG B 193 -32.94 12.43 -25.82
C ARG B 193 -32.48 11.69 -27.09
N ARG B 194 -33.39 11.43 -28.03
CA ARG B 194 -33.02 10.73 -29.30
C ARG B 194 -32.05 11.62 -30.09
N GLY B 195 -31.07 11.01 -30.75
CA GLY B 195 -30.02 11.71 -31.50
C GLY B 195 -28.82 12.06 -30.63
N ASP B 196 -28.94 12.01 -29.29
CA ASP B 196 -27.84 12.33 -28.34
C ASP B 196 -26.70 11.33 -28.54
N SER B 197 -25.46 11.83 -28.58
CA SER B 197 -24.19 11.06 -28.68
C SER B 197 -23.35 11.29 -27.40
N TYR B 198 -23.24 10.25 -26.55
CA TYR B 198 -22.46 10.24 -25.29
C TYR B 198 -21.18 9.44 -25.51
N VAL B 199 -20.03 10.03 -25.18
CA VAL B 199 -18.69 9.45 -25.41
C VAL B 199 -17.85 9.64 -24.15
N CYS B 200 -17.30 8.53 -23.64
CA CYS B 200 -16.27 8.52 -22.57
C CYS B 200 -14.88 8.69 -23.19
N ARG B 201 -14.12 9.70 -22.77
CA ARG B 201 -12.76 10.01 -23.27
C ARG B 201 -11.72 9.79 -22.15
N VAL B 202 -10.75 8.93 -22.40
CA VAL B 202 -9.71 8.50 -21.42
C VAL B 202 -8.36 8.92 -21.99
N GLU B 203 -7.64 9.79 -21.28
CA GLU B 203 -6.24 10.23 -21.54
C GLU B 203 -5.35 9.64 -20.44
N HIS B 204 -4.19 9.10 -20.81
CA HIS B 204 -3.26 8.37 -19.93
C HIS B 204 -1.86 8.36 -20.56
N ALA B 205 -0.79 8.45 -19.76
CA ALA B 205 0.59 8.59 -20.26
C ALA B 205 0.92 7.45 -21.23
N SER B 206 0.25 6.30 -21.10
CA SER B 206 0.55 5.03 -21.82
C SER B 206 -0.06 5.02 -23.22
N LEU B 207 -0.91 5.98 -23.56
CA LEU B 207 -1.68 5.99 -24.84
C LEU B 207 -1.08 7.03 -25.78
N ARG B 208 -0.85 6.65 -27.04
CA ARG B 208 -0.39 7.56 -28.12
C ARG B 208 -1.50 8.57 -28.44
N GLN B 209 -2.76 8.10 -28.48
CA GLN B 209 -3.98 8.94 -28.62
C GLN B 209 -4.99 8.56 -27.54
N PRO B 210 -5.80 9.52 -27.03
CA PRO B 210 -6.94 9.19 -26.17
C PRO B 210 -7.83 8.05 -26.68
N ILE B 211 -8.41 7.27 -25.77
CA ILE B 211 -9.49 6.30 -26.10
C ILE B 211 -10.82 7.04 -26.02
N SER B 212 -11.68 6.89 -27.04
CA SER B 212 -13.06 7.42 -27.08
C SER B 212 -14.03 6.25 -27.27
N GLN B 213 -14.79 5.92 -26.22
CA GLN B 213 -15.79 4.82 -26.26
C GLN B 213 -17.20 5.41 -26.13
N ALA B 214 -18.00 5.30 -27.18
CA ALA B 214 -19.37 5.84 -27.16
C ALA B 214 -20.37 4.85 -26.56
N TRP B 215 -21.51 5.36 -26.11
CA TRP B 215 -22.55 4.48 -25.51
C TRP B 215 -23.52 4.02 -26.59
N GLU B 216 -23.75 2.71 -26.71
CA GLU B 216 -24.75 2.15 -27.65
C GLU B 216 -24.64 2.89 -29.00
N1 IMD C . 3.53 9.62 -7.50
C2 IMD C . 3.27 10.62 -8.33
N3 IMD C . 2.11 10.37 -8.90
C4 IMD C . 1.56 9.27 -8.31
C5 IMD C . 2.36 8.93 -7.29
C ACE D . -1.33 -11.39 -7.76
O ACE D . -2.04 -10.51 -7.37
CH3 ACE D . -1.62 -12.86 -7.47
C ACE E . 10.29 -10.12 16.09
O ACE E . 9.52 -9.70 16.88
CH3 ACE E . 10.19 -11.51 15.52
ZN ZN F . 6.19 -13.66 1.64
ZN ZN G . -9.11 -5.29 16.04
ZN ZN H . 9.66 -19.14 5.04
C ACE I . -6.44 -3.10 22.52
O ACE I . -7.10 -2.33 21.85
CH3 ACE I . -6.63 -4.62 22.44
C ACE J . -10.03 -20.42 -10.76
O ACE J . -10.76 -19.86 -11.54
CH3 ACE J . -10.56 -21.39 -9.72
C ACE K . 3.53 1.50 1.16
O ACE K . 3.53 1.64 -0.01
CH3 ACE K . 4.42 2.32 2.05
ZN ZN L . 20.45 -8.08 -11.62
C1 PEG M . -10.79 -27.28 -5.26
O1 PEG M . -9.65 -27.42 -4.44
C2 PEG M . -11.62 -26.11 -4.85
O2 PEG M . -12.46 -25.70 -5.93
C3 PEG M . -12.99 -24.39 -5.79
C4 PEG M . -13.41 -23.85 -7.13
O4 PEG M . -12.39 -23.09 -7.77
ZN ZN N . 3.96 -15.21 28.33
C ACE O . -6.98 2.74 -3.02
O ACE O . -7.57 1.69 -3.08
CH3 ACE O . -5.73 2.90 -2.17
C ACE P . -2.55 -8.47 23.38
O ACE P . -2.20 -8.93 22.31
CH3 ACE P . -2.86 -6.99 23.60
C ACE Q . 19.06 17.24 -2.51
O ACE Q . 19.28 16.71 -3.58
CH3 ACE Q . 19.07 18.76 -2.35
C ACE R . 16.27 17.57 18.78
O ACE R . 15.72 16.67 19.38
CH3 ACE R . 17.68 17.39 18.21
N1 IMD S . -32.22 3.86 -21.15
C2 IMD S . -32.32 4.80 -22.10
N3 IMD S . -33.33 5.58 -21.77
C4 IMD S . -34.09 4.94 -20.83
C5 IMD S . -33.38 3.86 -20.42
C ACE T . -10.07 11.06 -13.68
O ACE T . -10.37 12.12 -14.17
CH3 ACE T . -10.52 10.66 -12.27
ZN ZN U . 12.30 17.13 10.83
C1 NAG V . 14.66 19.52 -12.33
C2 NAG V . 14.37 21.03 -12.43
C3 NAG V . 14.89 21.58 -13.77
C4 NAG V . 16.40 21.37 -13.77
C5 NAG V . 16.61 19.87 -13.90
C6 NAG V . 18.11 19.58 -14.07
C7 NAG V . 12.33 21.91 -11.29
C8 NAG V . 10.89 22.23 -11.55
N2 NAG V . 12.94 21.31 -12.32
O3 NAG V . 14.51 22.94 -14.05
O4 NAG V . 17.10 22.09 -14.80
O5 NAG V . 16.02 19.20 -12.74
O6 NAG V . 18.33 18.20 -14.34
O7 NAG V . 12.85 22.23 -10.22
ZN ZN W . 7.97 13.76 -0.19
ZN ZN X . 16.11 22.17 -7.37
NI NI Y . 25.32 3.30 -8.18
C1 NAG Z . 16.17 12.71 -13.56
C2 NAG Z . 14.80 13.34 -13.91
C3 NAG Z . 14.86 14.87 -14.19
C4 NAG Z . 16.06 15.64 -13.62
C5 NAG Z . 17.32 14.78 -13.52
C6 NAG Z . 18.49 15.48 -12.87
C7 NAG Z . 13.67 11.41 -15.00
C8 NAG Z . 13.07 10.87 -16.27
N2 NAG Z . 14.18 12.66 -15.05
O1 NAG Z . 16.07 11.48 -12.83
O3 NAG Z . 13.70 15.51 -13.65
O4 NAG Z . 16.25 16.79 -14.44
O5 NAG Z . 16.97 13.61 -12.79
O6 NAG Z . 19.55 15.70 -13.80
O7 NAG Z . 13.68 10.75 -13.98
ZN ZN AA . -1.61 2.99 -27.22
ZN ZN BA . -6.49 9.27 -5.53
#